data_2V87
#
_entry.id   2V87
#
_cell.length_a   40.407
_cell.length_b   46.630
_cell.length_c   57.005
_cell.angle_alpha   90.00
_cell.angle_beta   95.13
_cell.angle_gamma   90.00
#
_symmetry.space_group_name_H-M   'P 1 21 1'
#
loop_
_entity.id
_entity.type
_entity.pdbx_description
1 polymer 'VDJ RECOMBINATION-ACTIVATING PROTEIN 2'
2 polymer 'HISTONE H3.2'
3 non-polymer 'ZINC ION'
4 water water
#
loop_
_entity_poly.entity_id
_entity_poly.type
_entity_poly.pdbx_seq_one_letter_code
_entity_poly.pdbx_strand_id
1 'polypeptide(L)'
;GPLGSPEFGYWITCCPTCDVDINTWVPFYSTELNKPAMIYCSHGDGHWVHAQCMDLEERTLIHLSEGSNKYYCNEHVQIA
RA
;
A,B
2 'polypeptide(L)' A(2MR)T(M3L)QTARKSTGG D,E
#
# COMPACT_ATOMS: atom_id res chain seq x y z
N SER A 5 -4.30 -19.28 16.31
CA SER A 5 -5.18 -18.09 16.25
C SER A 5 -5.56 -17.76 14.81
N PRO A 6 -5.14 -18.60 13.84
CA PRO A 6 -5.42 -18.40 12.44
C PRO A 6 -5.52 -17.03 11.83
N GLU A 7 -6.33 -16.11 12.24
CA GLU A 7 -6.09 -14.90 11.65
C GLU A 7 -5.73 -13.69 12.43
N PHE A 8 -5.87 -13.95 13.70
CA PHE A 8 -5.55 -12.92 14.66
C PHE A 8 -4.06 -12.59 14.50
N GLY A 9 -3.75 -11.32 14.28
CA GLY A 9 -2.37 -10.91 14.11
C GLY A 9 -2.11 -10.49 12.68
N TYR A 10 -2.87 -11.06 11.75
CA TYR A 10 -2.70 -10.76 10.33
C TYR A 10 -3.35 -9.45 9.90
N TRP A 11 -4.44 -9.08 10.56
CA TRP A 11 -5.18 -7.88 10.18
C TRP A 11 -4.93 -6.64 11.01
N ILE A 12 -3.70 -6.45 11.41
CA ILE A 12 -3.29 -5.29 12.19
C ILE A 12 -2.91 -4.18 11.20
N THR A 13 -2.72 -2.99 11.73
CA THR A 13 -2.26 -1.86 10.92
C THR A 13 -0.79 -1.90 11.31
N CYS A 14 0.04 -2.50 10.45
CA CYS A 14 1.46 -2.67 10.74
C CYS A 14 2.36 -1.45 10.78
N CYS A 15 1.95 -0.38 10.12
CA CYS A 15 2.74 0.84 10.09
C CYS A 15 1.86 2.01 9.65
N PRO A 16 2.36 3.24 9.77
CA PRO A 16 1.60 4.44 9.38
C PRO A 16 1.06 4.45 7.95
N THR A 17 1.69 3.70 7.06
CA THR A 17 1.25 3.67 5.67
C THR A 17 0.67 2.32 5.25
N CYS A 18 0.39 1.46 6.22
CA CYS A 18 -0.14 0.12 5.96
C CYS A 18 -1.32 0.10 5.01
N ASP A 19 -1.20 -0.72 3.96
CA ASP A 19 -2.23 -0.86 2.93
C ASP A 19 -3.05 -2.15 3.07
N VAL A 20 -2.62 -3.04 3.97
CA VAL A 20 -3.34 -4.29 4.17
C VAL A 20 -4.59 -4.07 4.99
N ASP A 21 -5.73 -4.42 4.40
CA ASP A 21 -7.02 -4.26 5.05
C ASP A 21 -7.84 -5.53 4.88
N ILE A 22 -8.39 -6.04 5.97
CA ILE A 22 -9.18 -7.27 5.93
C ILE A 22 -10.34 -7.17 4.94
N ASN A 23 -10.77 -5.95 4.65
CA ASN A 23 -11.88 -5.72 3.74
C ASN A 23 -11.49 -5.49 2.28
N THR A 24 -10.19 -5.47 1.99
CA THR A 24 -9.76 -5.24 0.60
C THR A 24 -8.59 -6.09 0.12
N TRP A 25 -7.88 -6.73 1.04
CA TRP A 25 -6.71 -7.53 0.68
C TRP A 25 -6.87 -8.60 -0.38
N VAL A 26 -5.83 -8.73 -1.21
CA VAL A 26 -5.77 -9.74 -2.27
C VAL A 26 -4.32 -10.21 -2.32
N PRO A 27 -4.09 -11.46 -2.76
CA PRO A 27 -2.72 -11.98 -2.83
C PRO A 27 -1.82 -11.19 -3.76
N PHE A 28 -0.56 -11.05 -3.35
CA PHE A 28 0.44 -10.30 -4.11
C PHE A 28 1.65 -11.20 -4.38
N TYR A 29 2.19 -11.80 -3.32
CA TYR A 29 3.34 -12.69 -3.44
C TYR A 29 2.87 -14.07 -3.92
N SER A 30 3.77 -14.82 -4.56
CA SER A 30 3.40 -16.14 -5.07
C SER A 30 3.10 -17.13 -3.95
N THR A 31 3.53 -16.81 -2.73
CA THR A 31 3.32 -17.68 -1.58
C THR A 31 2.02 -17.36 -0.84
N GLU A 32 1.33 -16.30 -1.25
CA GLU A 32 0.09 -15.91 -0.62
C GLU A 32 -1.13 -16.47 -1.35
N LEU A 33 -2.16 -16.74 -0.57
CA LEU A 33 -3.44 -17.23 -1.12
C LEU A 33 -4.56 -16.48 -0.43
N ASN A 34 -4.76 -16.75 0.86
CA ASN A 34 -5.81 -16.10 1.61
C ASN A 34 -5.37 -15.19 2.78
N LYS A 35 -4.07 -15.12 3.03
CA LYS A 35 -3.54 -14.28 4.10
C LYS A 35 -2.27 -13.54 3.68
N PRO A 36 -2.09 -12.31 4.16
CA PRO A 36 -0.91 -11.51 3.83
C PRO A 36 0.39 -12.06 4.42
N ALA A 37 1.45 -12.01 3.62
CA ALA A 37 2.74 -12.48 4.09
C ALA A 37 3.23 -11.46 5.11
N MET A 38 3.88 -11.93 6.15
CA MET A 38 4.37 -11.04 7.19
C MET A 38 5.80 -11.37 7.58
N ILE A 39 6.48 -10.40 8.17
CA ILE A 39 7.84 -10.60 8.60
C ILE A 39 8.04 -9.91 9.95
N TYR A 40 8.83 -10.55 10.80
CA TYR A 40 9.09 -10.04 12.14
C TYR A 40 10.21 -9.01 12.16
N CYS A 41 9.93 -7.84 12.73
CA CYS A 41 10.92 -6.78 12.87
C CYS A 41 11.53 -6.94 14.27
N SER A 42 12.84 -7.02 14.35
CA SER A 42 13.52 -7.22 15.63
C SER A 42 13.75 -5.99 16.49
N HIS A 43 13.25 -4.83 16.06
CA HIS A 43 13.44 -3.60 16.83
C HIS A 43 12.77 -3.67 18.21
N GLY A 44 13.47 -3.18 19.22
CA GLY A 44 12.94 -3.18 20.57
C GLY A 44 12.44 -4.55 20.98
N ASP A 45 11.20 -4.63 21.43
CA ASP A 45 10.63 -5.91 21.85
C ASP A 45 10.08 -6.67 20.65
N GLY A 46 10.27 -6.13 19.46
CA GLY A 46 9.81 -6.78 18.26
C GLY A 46 8.34 -6.62 17.92
N HIS A 47 8.03 -6.71 16.63
CA HIS A 47 6.65 -6.57 16.18
C HIS A 47 6.52 -7.10 14.75
N TRP A 48 5.31 -7.47 14.36
CA TRP A 48 5.07 -7.99 13.03
C TRP A 48 4.59 -6.93 12.04
N VAL A 49 5.06 -7.02 10.80
CA VAL A 49 4.64 -6.10 9.75
C VAL A 49 4.34 -6.90 8.50
N HIS A 50 3.52 -6.33 7.62
CA HIS A 50 3.18 -7.00 6.37
C HIS A 50 4.35 -6.76 5.43
N ALA A 51 4.84 -7.81 4.78
CA ALA A 51 5.96 -7.68 3.86
C ALA A 51 5.66 -6.69 2.73
N GLN A 52 4.44 -6.70 2.21
CA GLN A 52 4.08 -5.80 1.11
C GLN A 52 4.15 -4.34 1.54
N CYS A 53 3.77 -4.07 2.77
CA CYS A 53 3.78 -2.70 3.28
C CYS A 53 5.21 -2.18 3.42
N MET A 54 6.19 -3.08 3.38
CA MET A 54 7.59 -2.72 3.48
C MET A 54 8.23 -2.61 2.10
N ASP A 55 7.41 -2.84 1.07
CA ASP A 55 7.90 -2.77 -0.31
C ASP A 55 9.02 -3.79 -0.56
N LEU A 56 8.93 -4.92 0.12
CA LEU A 56 9.89 -6.00 -0.01
C LEU A 56 9.58 -6.82 -1.26
N GLU A 57 10.55 -6.95 -2.16
CA GLU A 57 10.35 -7.75 -3.35
C GLU A 57 10.25 -9.20 -2.88
N GLU A 58 9.59 -10.04 -3.66
CA GLU A 58 9.41 -11.44 -3.26
C GLU A 58 10.71 -12.19 -2.95
N ARG A 59 11.71 -12.11 -3.81
CA ARG A 59 12.95 -12.85 -3.51
C ARG A 59 13.60 -12.37 -2.22
N THR A 60 13.52 -11.08 -1.93
CA THR A 60 14.12 -10.56 -0.70
C THR A 60 13.39 -11.19 0.50
N LEU A 61 12.07 -11.20 0.43
CA LEU A 61 11.25 -11.78 1.50
C LEU A 61 11.54 -13.26 1.69
N ILE A 62 11.61 -13.99 0.58
CA ILE A 62 11.87 -15.42 0.62
C ILE A 62 13.27 -15.71 1.20
N HIS A 63 14.27 -14.95 0.75
CA HIS A 63 15.62 -15.16 1.26
C HIS A 63 15.64 -14.92 2.76
N LEU A 64 14.96 -13.87 3.21
CA LEU A 64 14.91 -13.56 4.64
C LEU A 64 14.26 -14.71 5.41
N SER A 65 13.21 -15.28 4.83
CA SER A 65 12.50 -16.39 5.47
C SER A 65 13.33 -17.68 5.51
N GLU A 66 14.30 -17.79 4.62
CA GLU A 66 15.16 -18.97 4.53
C GLU A 66 16.47 -18.82 5.29
N GLY A 67 16.61 -17.73 6.05
CA GLY A 67 17.84 -17.52 6.79
C GLY A 67 17.61 -17.10 8.24
N SER A 68 18.71 -16.86 8.96
CA SER A 68 18.64 -16.46 10.35
C SER A 68 18.86 -14.97 10.56
N ASN A 69 19.03 -14.23 9.47
CA ASN A 69 19.23 -12.79 9.54
C ASN A 69 18.01 -12.11 10.13
N LYS A 70 18.24 -11.14 11.01
CA LYS A 70 17.15 -10.40 11.61
C LYS A 70 16.70 -9.32 10.64
N TYR A 71 15.42 -8.98 10.70
CA TYR A 71 14.87 -7.95 9.83
C TYR A 71 14.40 -6.75 10.64
N TYR A 72 14.59 -5.56 10.08
CA TYR A 72 14.15 -4.32 10.72
C TYR A 72 13.28 -3.57 9.73
N CYS A 73 12.06 -3.24 10.14
CA CYS A 73 11.13 -2.54 9.26
C CYS A 73 11.65 -1.16 8.88
N ASN A 74 11.00 -0.57 7.87
CA ASN A 74 11.38 0.74 7.36
C ASN A 74 11.35 1.85 8.40
N GLU A 75 10.47 1.72 9.40
CA GLU A 75 10.38 2.73 10.47
C GLU A 75 11.52 2.65 11.47
N HIS A 76 12.03 1.45 11.69
CA HIS A 76 13.10 1.24 12.68
C HIS A 76 14.46 0.87 12.12
N VAL A 77 14.53 0.64 10.82
CA VAL A 77 15.79 0.23 10.20
C VAL A 77 16.99 1.16 10.40
N GLN A 78 16.73 2.45 10.58
CA GLN A 78 17.83 3.40 10.74
C GLN A 78 18.22 3.66 12.18
N ILE A 79 17.51 3.04 13.11
CA ILE A 79 17.82 3.27 14.52
C ILE A 79 19.07 2.60 15.01
N ALA A 80 19.90 3.40 15.68
CA ALA A 80 21.15 2.91 16.25
C ALA A 80 20.76 1.66 17.01
N ARG A 81 21.51 0.59 16.79
CA ARG A 81 21.21 -0.67 17.45
C ARG A 81 21.83 -0.84 18.82
N ALA A 82 21.48 -1.82 19.48
N GLY B 4 12.13 3.37 -7.10
CA GLY B 4 10.67 3.54 -7.36
C GLY B 4 10.05 2.30 -7.99
N SER B 5 9.79 1.30 -7.14
CA SER B 5 9.23 0.02 -7.58
C SER B 5 7.76 0.07 -8.03
N PRO B 6 7.52 0.02 -9.35
CA PRO B 6 6.19 0.06 -9.96
C PRO B 6 5.27 -1.11 -9.61
N GLU B 7 5.85 -2.28 -9.35
CA GLU B 7 5.09 -3.48 -9.02
C GLU B 7 4.17 -3.28 -7.80
N PHE B 8 4.55 -2.34 -6.93
CA PHE B 8 3.75 -2.08 -5.74
C PHE B 8 2.59 -1.11 -5.96
N GLY B 9 2.47 -0.62 -7.19
CA GLY B 9 1.36 0.25 -7.56
C GLY B 9 1.37 1.76 -7.36
N TYR B 10 2.36 2.29 -6.64
CA TYR B 10 2.40 3.73 -6.40
C TYR B 10 3.20 4.54 -7.40
N TRP B 11 4.41 4.08 -7.67
CA TRP B 11 5.28 4.78 -8.60
C TRP B 11 5.13 4.30 -10.02
N ILE B 12 4.00 4.69 -10.63
CA ILE B 12 3.69 4.34 -12.00
C ILE B 12 3.19 5.60 -12.70
N THR B 13 3.04 5.54 -14.01
CA THR B 13 2.51 6.67 -14.77
C THR B 13 1.02 6.35 -14.81
N CYS B 14 0.24 6.98 -13.93
CA CYS B 14 -1.18 6.69 -13.83
C CYS B 14 -2.09 7.15 -14.96
N CYS B 15 -1.64 8.12 -15.74
CA CYS B 15 -2.42 8.64 -16.86
C CYS B 15 -1.52 9.44 -17.79
N PRO B 16 -2.02 9.80 -18.98
CA PRO B 16 -1.23 10.57 -19.96
C PRO B 16 -0.59 11.84 -19.42
N THR B 17 -1.24 12.49 -18.46
CA THR B 17 -0.70 13.72 -17.90
C THR B 17 -0.07 13.54 -16.53
N CYS B 18 0.11 12.28 -16.12
CA CYS B 18 0.69 11.98 -14.82
C CYS B 18 2.12 12.48 -14.71
N ASP B 19 2.41 13.22 -13.65
CA ASP B 19 3.76 13.72 -13.45
C ASP B 19 4.23 13.44 -12.02
N VAL B 20 3.83 12.27 -11.51
CA VAL B 20 4.26 11.84 -10.19
C VAL B 20 5.50 11.00 -10.44
N ASP B 21 6.60 11.40 -9.81
CA ASP B 21 7.89 10.73 -9.96
C ASP B 21 8.50 10.66 -8.56
N ILE B 22 8.92 9.47 -8.15
CA ILE B 22 9.49 9.29 -6.82
C ILE B 22 10.67 10.24 -6.57
N ASN B 23 11.32 10.69 -7.63
CA ASN B 23 12.45 11.59 -7.50
C ASN B 23 12.05 13.04 -7.23
N THR B 24 10.82 13.42 -7.57
CA THR B 24 10.37 14.79 -7.37
C THR B 24 9.11 14.95 -6.51
N TRP B 25 8.42 13.85 -6.24
CA TRP B 25 7.19 13.90 -5.45
C TRP B 25 7.39 14.47 -4.04
N VAL B 26 6.39 15.19 -3.56
CA VAL B 26 6.39 15.76 -2.22
C VAL B 26 4.97 15.62 -1.65
N PRO B 27 4.84 15.48 -0.32
CA PRO B 27 3.52 15.35 0.28
C PRO B 27 2.62 16.53 -0.10
N PHE B 28 1.36 16.25 -0.37
CA PHE B 28 0.39 17.28 -0.76
C PHE B 28 -0.84 17.20 0.13
N TYR B 29 -1.35 15.99 0.35
CA TYR B 29 -2.52 15.79 1.20
C TYR B 29 -2.04 15.57 2.64
N SER B 30 -2.87 15.94 3.60
CA SER B 30 -2.53 15.81 5.02
C SER B 30 -2.36 14.36 5.46
N THR B 31 -2.85 13.43 4.64
CA THR B 31 -2.78 12.01 4.96
C THR B 31 -1.58 11.28 4.35
N GLU B 32 -0.81 11.99 3.54
CA GLU B 32 0.34 11.36 2.91
C GLU B 32 1.60 11.45 3.77
N LEU B 33 2.44 10.43 3.64
CA LEU B 33 3.71 10.37 4.33
C LEU B 33 4.78 10.25 3.27
N ASN B 34 5.02 9.05 2.75
CA ASN B 34 6.04 8.89 1.73
C ASN B 34 5.51 8.26 0.45
N LYS B 35 4.18 8.16 0.34
CA LYS B 35 3.52 7.58 -0.82
C LYS B 35 2.35 8.46 -1.24
N PRO B 36 2.15 8.64 -2.56
CA PRO B 36 1.04 9.46 -3.07
C PRO B 36 -0.33 8.82 -2.86
N ALA B 37 -1.31 9.63 -2.48
CA ALA B 37 -2.66 9.13 -2.27
C ALA B 37 -3.20 8.71 -3.63
N MET B 38 -3.97 7.62 -3.66
CA MET B 38 -4.52 7.14 -4.92
C MET B 38 -5.98 6.75 -4.75
N ILE B 39 -6.69 6.70 -5.86
CA ILE B 39 -8.10 6.33 -5.83
C ILE B 39 -8.34 5.35 -6.96
N TYR B 40 -9.24 4.40 -6.73
CA TYR B 40 -9.56 3.37 -7.72
C TYR B 40 -10.64 3.75 -8.72
N CYS B 41 -10.34 3.59 -10.00
CA CYS B 41 -11.30 3.88 -11.06
C CYS B 41 -11.92 2.56 -11.49
N SER B 42 -13.26 2.51 -11.53
CA SER B 42 -13.95 1.28 -11.91
C SER B 42 -14.11 1.05 -13.41
N HIS B 43 -13.50 1.89 -14.24
CA HIS B 43 -13.63 1.70 -15.68
C HIS B 43 -13.02 0.38 -16.16
N GLY B 44 -13.78 -0.36 -16.96
CA GLY B 44 -13.31 -1.63 -17.50
C GLY B 44 -12.86 -2.60 -16.42
N ASP B 45 -11.63 -3.10 -16.56
CA ASP B 45 -11.08 -4.02 -15.58
C ASP B 45 -10.50 -3.25 -14.38
N GLY B 46 -10.62 -1.93 -14.44
CA GLY B 46 -10.15 -1.09 -13.35
C GLY B 46 -8.69 -0.69 -13.36
N HIS B 47 -8.37 0.39 -12.63
CA HIS B 47 -7.00 0.86 -12.51
C HIS B 47 -6.92 1.94 -11.44
N TRP B 48 -5.72 2.20 -10.95
CA TRP B 48 -5.51 3.19 -9.91
C TRP B 48 -4.85 4.45 -10.44
N VAL B 49 -5.29 5.60 -9.94
CA VAL B 49 -4.71 6.89 -10.33
C VAL B 49 -4.37 7.69 -9.09
N HIS B 50 -3.39 8.59 -9.23
CA HIS B 50 -3.00 9.42 -8.11
C HIS B 50 -4.08 10.49 -7.98
N ALA B 51 -4.53 10.73 -6.75
CA ALA B 51 -5.56 11.72 -6.49
C ALA B 51 -5.13 13.08 -7.03
N GLN B 52 -3.87 13.44 -6.84
CA GLN B 52 -3.37 14.71 -7.33
C GLN B 52 -3.45 14.85 -8.83
N CYS B 53 -3.21 13.75 -9.53
CA CYS B 53 -3.26 13.76 -10.99
C CYS B 53 -4.67 13.97 -11.51
N MET B 54 -5.66 13.71 -10.66
CA MET B 54 -7.07 13.88 -11.01
C MET B 54 -7.55 15.26 -10.55
N ASP B 55 -6.63 16.06 -10.01
CA ASP B 55 -6.96 17.39 -9.53
C ASP B 55 -7.98 17.34 -8.41
N LEU B 56 -7.96 16.28 -7.62
CA LEU B 56 -8.90 16.15 -6.52
C LEU B 56 -8.39 16.92 -5.31
N GLU B 57 -9.22 17.81 -4.79
CA GLU B 57 -8.82 18.56 -3.60
C GLU B 57 -9.00 17.64 -2.42
N GLU B 58 -8.30 17.93 -1.31
CA GLU B 58 -8.37 17.07 -0.14
C GLU B 58 -9.78 16.72 0.34
N ARG B 59 -10.62 17.74 0.57
CA ARG B 59 -11.97 17.47 1.04
C ARG B 59 -12.72 16.52 0.11
N THR B 60 -12.48 16.64 -1.19
CA THR B 60 -13.15 15.79 -2.17
C THR B 60 -12.62 14.36 -2.07
N LEU B 61 -11.30 14.22 -1.99
CA LEU B 61 -10.67 12.92 -1.88
C LEU B 61 -11.14 12.20 -0.62
N ILE B 62 -11.14 12.91 0.50
CA ILE B 62 -11.57 12.33 1.77
C ILE B 62 -13.04 11.93 1.72
N HIS B 63 -13.86 12.74 1.07
CA HIS B 63 -15.29 12.43 0.97
C HIS B 63 -15.48 11.14 0.16
N LEU B 64 -14.73 11.02 -0.93
CA LEU B 64 -14.81 9.83 -1.77
C LEU B 64 -14.35 8.60 -1.00
N SER B 65 -13.29 8.75 -0.20
CA SER B 65 -12.75 7.64 0.56
C SER B 65 -13.64 7.18 1.71
N GLU B 66 -14.45 8.08 2.26
CA GLU B 66 -15.33 7.73 3.38
C GLU B 66 -16.67 7.19 2.91
N GLY B 67 -16.95 7.30 1.61
CA GLY B 67 -18.20 6.81 1.06
C GLY B 67 -18.04 5.47 0.39
N SER B 68 -19.14 4.91 -0.12
CA SER B 68 -19.09 3.62 -0.79
C SER B 68 -19.34 3.72 -2.29
N ASN B 69 -19.31 4.94 -2.83
CA ASN B 69 -19.52 5.13 -4.26
C ASN B 69 -18.33 4.66 -5.07
N LYS B 70 -18.58 4.19 -6.28
CA LYS B 70 -17.49 3.80 -7.16
C LYS B 70 -17.00 5.12 -7.70
N TYR B 71 -15.81 5.12 -8.28
CA TYR B 71 -15.24 6.35 -8.83
C TYR B 71 -14.75 6.10 -10.25
N TYR B 72 -14.99 7.07 -11.13
CA TYR B 72 -14.52 6.99 -12.51
C TYR B 72 -13.61 8.19 -12.73
N CYS B 73 -12.38 7.94 -13.17
CA CYS B 73 -11.41 8.99 -13.37
C CYS B 73 -11.77 9.96 -14.50
N ASN B 74 -11.02 11.05 -14.59
CA ASN B 74 -11.23 12.09 -15.60
C ASN B 74 -11.20 11.55 -17.03
N GLU B 75 -10.41 10.50 -17.24
CA GLU B 75 -10.27 9.89 -18.56
C GLU B 75 -11.46 9.02 -18.96
N HIS B 76 -12.08 8.38 -17.97
CA HIS B 76 -13.16 7.45 -18.24
C HIS B 76 -14.58 7.78 -17.82
N VAL B 77 -14.77 8.79 -16.98
CA VAL B 77 -16.11 9.09 -16.52
C VAL B 77 -17.06 9.54 -17.63
N GLN B 78 -16.52 10.06 -18.73
CA GLN B 78 -17.37 10.51 -19.82
C GLN B 78 -17.70 9.43 -20.83
N ILE B 79 -17.27 8.20 -20.57
CA ILE B 79 -17.55 7.10 -21.49
C ILE B 79 -18.87 6.44 -21.10
N ALA B 80 -19.77 6.34 -22.07
CA ALA B 80 -21.07 5.72 -21.85
C ALA B 80 -20.90 4.33 -21.24
N ARG B 81 -21.73 4.01 -20.25
CA ARG B 81 -21.65 2.72 -19.59
C ARG B 81 -22.89 1.88 -19.88
N ALA B 82 -22.72 0.92 -20.79
CA ALA B 82 -23.81 0.03 -21.19
C ALA B 82 -24.21 -0.90 -20.05
N ALA C 1 15.08 -14.53 9.27
CA ALA C 1 14.01 -13.78 9.98
C ALA C 1 12.73 -14.60 10.01
N THR C 3 8.92 -15.39 9.57
CA THR C 3 7.92 -14.91 8.62
C THR C 3 6.63 -15.74 8.67
N GLN C 5 3.34 -17.00 5.87
CA GLN C 5 2.86 -17.14 4.50
C GLN C 5 3.98 -16.99 3.46
N THR C 6 5.12 -17.61 3.73
CA THR C 6 6.26 -17.55 2.81
C THR C 6 6.60 -18.94 2.30
N ALA C 7 5.82 -19.94 2.73
CA ALA C 7 6.04 -21.32 2.30
C ALA C 7 5.48 -21.47 0.89
N ARG C 8 6.22 -22.17 0.03
CA ARG C 8 5.77 -22.39 -1.33
C ARG C 8 4.53 -23.28 -1.32
N LYS C 9 3.65 -23.08 -2.30
CA LYS C 9 2.41 -23.85 -2.39
C LYS C 9 2.53 -25.10 -3.27
N SER C 10 1.49 -25.74 -3.49
N ALA D 1 -15.50 4.99 -2.43
CA ALA D 1 -14.49 4.51 -3.41
C ALA D 1 -13.23 4.05 -2.68
N THR D 3 -9.45 3.75 -1.83
CA THR D 3 -8.34 4.69 -1.91
C THR D 3 -7.15 4.17 -1.14
N GLN D 5 -3.59 5.62 1.13
CA GLN D 5 -2.96 6.74 1.81
C GLN D 5 -3.89 7.92 2.07
N THR D 6 -5.14 7.62 2.41
CA THR D 6 -6.14 8.63 2.70
C THR D 6 -6.54 8.50 4.15
N ALA D 7 -5.86 7.61 4.84
CA ALA D 7 -6.16 7.37 6.24
C ALA D 7 -5.59 8.45 7.15
N ARG D 8 -6.42 8.80 8.12
CA ARG D 8 -6.19 9.80 9.14
C ARG D 8 -4.90 9.51 9.94
N LYS D 9 -4.12 10.58 10.13
CA LYS D 9 -2.75 10.63 10.68
C LYS D 9 -2.06 10.47 12.07
N SER D 10 -1.56 9.27 12.28
CA SER D 10 -0.77 8.85 13.44
C SER D 10 -0.45 7.72 12.50
N THR D 11 -1.59 7.05 12.49
CA THR D 11 -2.09 5.83 11.93
C THR D 11 -1.31 4.69 12.49
N GLY D 12 -0.11 4.47 11.95
CA GLY D 12 0.76 3.37 12.35
C GLY D 12 0.53 2.56 13.60
N GLY D 13 -0.71 2.49 14.08
CA GLY D 13 -1.01 1.71 15.27
C GLY D 13 -2.38 1.06 15.20
#